data_3VW8
#
_entry.id   3VW8
#
_cell.length_a   42.690
_cell.length_b   78.786
_cell.length_c   89.969
_cell.angle_alpha   90.00
_cell.angle_beta   90.00
_cell.angle_gamma   90.00
#
_symmetry.space_group_name_H-M   'P 21 21 21'
#
loop_
_entity.id
_entity.type
_entity.pdbx_description
1 polymer 'Hepatocyte growth factor receptor'
2 non-polymer N-({4-[(6,7-dimethoxyquinolin-4-yl)oxy]phenyl}carbamothioyl)-2-phenylacetamide
3 non-polymer 'CHLORIDE ION'
4 water water
#
_entity_poly.entity_id   1
_entity_poly.type   'polypeptide(L)'
_entity_poly.pdbx_seq_one_letter_code
;VQYPLTDMSPILTSGDSDISSPLLQNTVHIDLSLNPELVQAVQHVVIGPSSLIVHFNEVIGRGHFGCVYHGTLLDNDGKK
IHCAVKSLNRITDIGEVSQFLTEGIIMKDFSHPNVLSLLGICLRSEGSPLVVLPYMKHGDLRNFIRNETHNPTVKDLIGF
GLQVAKGMKYLASKKFVHRDLAARNCMLDEKFTVKVADFGLARDMYDKEYYSVHNKTGAKLPVKWMALESLQTQKFTTKS
DVWSFGVLLWELMTRGAPPYPDVNTFDITVYLLQGRRLLQPEYCPDPLYEVMLKCWHPKAEMRPSFSELVSRISAIFSTF
IGEHYVHV
;
_entity_poly.pdbx_strand_id   A
#
loop_
_chem_comp.id
_chem_comp.type
_chem_comp.name
_chem_comp.formula
CL non-polymer 'CHLORIDE ION' 'Cl -1'
DF6 non-polymer N-({4-[(6,7-dimethoxyquinolin-4-yl)oxy]phenyl}carbamothioyl)-2-phenylacetamide 'C26 H23 N3 O4 S'
#
# COMPACT_ATOMS: atom_id res chain seq x y z
N VAL A 1 5.35 -13.69 21.77
CA VAL A 1 5.44 -15.04 22.39
C VAL A 1 4.17 -15.84 22.09
N GLN A 2 4.31 -16.86 21.25
CA GLN A 2 3.18 -17.67 20.80
C GLN A 2 2.78 -18.75 21.81
N TYR A 3 3.76 -19.30 22.55
CA TYR A 3 3.51 -20.36 23.53
C TYR A 3 4.02 -19.99 24.92
N PRO A 4 3.43 -18.95 25.54
CA PRO A 4 3.96 -18.47 26.81
C PRO A 4 3.94 -19.56 27.89
N LEU A 5 4.94 -19.54 28.76
CA LEU A 5 5.00 -20.47 29.88
C LEU A 5 3.78 -20.26 30.78
N THR A 6 3.46 -18.99 31.05
CA THR A 6 2.30 -18.62 31.87
C THR A 6 1.67 -17.31 31.38
N ASP A 7 0.38 -17.17 31.63
CA ASP A 7 -0.26 -15.87 31.49
C ASP A 7 0.13 -14.97 32.66
N MET A 8 0.62 -13.78 32.32
CA MET A 8 1.04 -12.75 33.27
C MET A 8 0.17 -11.50 33.10
N SER A 9 -0.01 -11.10 31.84
CA SER A 9 -0.84 -9.97 31.50
C SER A 9 -2.30 -10.34 31.76
N PRO A 10 -3.08 -9.42 32.38
CA PRO A 10 -4.50 -9.69 32.55
C PRO A 10 -5.19 -10.03 31.24
N ILE A 11 -6.24 -10.85 31.32
CA ILE A 11 -6.95 -11.31 30.15
C ILE A 11 -8.19 -10.45 29.91
N LEU A 12 -8.12 -9.61 28.88
CA LEU A 12 -9.25 -8.84 28.39
C LEU A 12 -9.85 -9.61 27.20
N THR A 13 -10.96 -10.29 27.44
CA THR A 13 -11.63 -11.10 26.43
C THR A 13 -12.79 -10.35 25.79
N SER A 14 -13.00 -10.60 24.50
CA SER A 14 -14.03 -9.93 23.72
C SER A 14 -15.28 -10.79 23.50
N GLY A 15 -15.46 -11.82 24.34
CA GLY A 15 -16.60 -12.72 24.17
C GLY A 15 -16.54 -13.95 25.05
N ASP A 16 -17.15 -15.03 24.58
CA ASP A 16 -17.14 -16.30 25.31
C ASP A 16 -16.06 -17.23 24.74
N ASP A 31 -18.80 -11.10 16.49
CA ASP A 31 -19.25 -9.96 15.68
C ASP A 31 -19.92 -8.92 16.57
N LEU A 32 -20.70 -9.38 17.53
CA LEU A 32 -21.47 -8.49 18.40
C LEU A 32 -20.59 -7.60 19.27
N SER A 33 -19.40 -8.09 19.62
CA SER A 33 -18.43 -7.28 20.34
C SER A 33 -17.76 -6.20 19.48
N LEU A 34 -17.89 -6.30 18.16
CA LEU A 34 -17.28 -5.31 17.26
C LEU A 34 -18.20 -4.12 17.06
N ASN A 35 -17.65 -3.08 16.44
CA ASN A 35 -18.41 -1.88 16.10
C ASN A 35 -19.52 -2.22 15.11
N PRO A 36 -20.77 -1.83 15.42
CA PRO A 36 -21.96 -2.15 14.59
C PRO A 36 -21.82 -1.76 13.12
N GLU A 37 -21.34 -0.54 12.86
CA GLU A 37 -21.16 -0.01 11.51
C GLU A 37 -20.11 -0.83 10.73
N LEU A 38 -19.03 -1.17 11.40
CA LEU A 38 -18.01 -2.04 10.80
C LEU A 38 -18.62 -3.40 10.42
N VAL A 39 -19.40 -3.96 11.33
CA VAL A 39 -20.00 -5.28 11.10
C VAL A 39 -20.96 -5.23 9.92
N GLN A 40 -21.84 -4.23 9.90
CA GLN A 40 -22.76 -4.02 8.79
C GLN A 40 -22.04 -3.89 7.45
N ALA A 41 -20.94 -3.13 7.45
CA ALA A 41 -20.17 -2.95 6.24
C ALA A 41 -19.57 -4.28 5.81
N VAL A 42 -19.03 -5.03 6.75
CA VAL A 42 -18.44 -6.34 6.47
C VAL A 42 -19.50 -7.34 6.01
N GLN A 43 -20.68 -7.28 6.63
CA GLN A 43 -21.75 -8.22 6.30
C GLN A 43 -22.18 -8.11 4.83
N HIS A 44 -22.26 -6.90 4.29
CA HIS A 44 -22.72 -6.77 2.90
C HIS A 44 -21.66 -7.01 1.81
N VAL A 45 -20.41 -7.29 2.20
CA VAL A 45 -19.40 -7.85 1.27
C VAL A 45 -18.97 -9.26 1.70
N VAL A 46 -19.88 -10.00 2.34
CA VAL A 46 -19.53 -11.32 2.86
C VAL A 46 -19.28 -12.33 1.71
N ILE A 47 -18.28 -13.18 1.91
CA ILE A 47 -18.05 -14.31 1.03
C ILE A 47 -18.33 -15.56 1.85
N GLY A 48 -19.15 -16.46 1.32
CA GLY A 48 -19.53 -17.67 2.04
C GLY A 48 -18.30 -18.52 2.32
N PRO A 49 -18.20 -19.09 3.53
CA PRO A 49 -17.00 -19.88 3.90
C PRO A 49 -16.69 -21.02 2.92
N SER A 50 -17.73 -21.58 2.31
CA SER A 50 -17.59 -22.69 1.38
C SER A 50 -17.25 -22.25 -0.05
N SER A 51 -17.53 -21.00 -0.37
CA SER A 51 -17.27 -20.45 -1.70
C SER A 51 -15.82 -19.99 -1.88
N LEU A 52 -15.05 -19.95 -0.80
CA LEU A 52 -13.64 -19.60 -0.83
C LEU A 52 -12.77 -20.79 -0.46
N ILE A 53 -11.78 -21.10 -1.30
CA ILE A 53 -10.75 -22.06 -0.95
C ILE A 53 -9.46 -21.28 -0.69
N VAL A 54 -8.95 -21.38 0.54
CA VAL A 54 -7.69 -20.78 0.89
C VAL A 54 -6.63 -21.89 0.85
N HIS A 55 -5.53 -21.63 0.15
CA HIS A 55 -4.45 -22.60 0.02
C HIS A 55 -3.34 -22.20 0.98
N PHE A 56 -3.47 -22.69 2.21
CA PHE A 56 -2.57 -22.30 3.30
C PHE A 56 -1.15 -22.79 3.08
N ASN A 57 -1.02 -23.87 2.32
CA ASN A 57 0.29 -24.36 1.85
C ASN A 57 0.98 -23.45 0.84
N GLU A 58 0.24 -22.51 0.27
CA GLU A 58 0.77 -21.64 -0.77
C GLU A 58 0.76 -20.21 -0.28
N VAL A 59 1.75 -19.88 0.54
CA VAL A 59 1.84 -18.56 1.14
C VAL A 59 2.45 -17.57 0.13
N ILE A 60 1.75 -16.46 -0.07
CA ILE A 60 2.23 -15.40 -0.96
C ILE A 60 3.21 -14.51 -0.21
N GLY A 61 2.91 -14.19 1.05
CA GLY A 61 3.80 -13.38 1.86
C GLY A 61 3.48 -13.48 3.35
N ARG A 62 4.53 -13.46 4.17
CA ARG A 62 4.38 -13.56 5.62
C ARG A 62 4.85 -12.31 6.34
N GLY A 63 4.16 -11.99 7.42
CA GLY A 63 4.54 -10.88 8.28
C GLY A 63 4.28 -11.26 9.73
N HIS A 64 4.70 -10.41 10.65
CA HIS A 64 4.63 -10.73 12.07
C HIS A 64 3.23 -10.56 12.66
N PHE A 65 2.37 -9.79 11.98
CA PHE A 65 0.97 -9.62 12.40
C PHE A 65 -0.05 -10.35 11.52
N GLY A 66 0.29 -10.60 10.25
CA GLY A 66 -0.62 -11.24 9.32
C GLY A 66 0.08 -11.89 8.13
N CYS A 67 -0.69 -12.57 7.28
CA CYS A 67 -0.15 -13.31 6.14
C CYS A 67 -1.10 -13.27 4.94
N VAL A 68 -0.56 -13.56 3.77
CA VAL A 68 -1.32 -13.52 2.53
C VAL A 68 -1.13 -14.84 1.80
N TYR A 69 -2.24 -15.49 1.48
CA TYR A 69 -2.23 -16.77 0.78
C TYR A 69 -2.87 -16.67 -0.59
N HIS A 70 -2.50 -17.60 -1.47
CA HIS A 70 -3.27 -17.83 -2.69
C HIS A 70 -4.63 -18.36 -2.29
N GLY A 71 -5.66 -17.86 -2.95
CA GLY A 71 -6.99 -18.41 -2.79
C GLY A 71 -7.68 -18.57 -4.12
N THR A 72 -8.73 -19.39 -4.14
CA THR A 72 -9.61 -19.49 -5.29
C THR A 72 -11.02 -19.20 -4.85
N LEU A 73 -11.69 -18.33 -5.60
CA LEU A 73 -13.06 -17.96 -5.35
C LEU A 73 -13.90 -18.48 -6.51
N LEU A 74 -15.00 -19.15 -6.22
CA LEU A 74 -15.99 -19.49 -7.24
C LEU A 74 -17.09 -18.44 -7.26
N ASP A 75 -17.30 -17.83 -8.43
CA ASP A 75 -18.46 -16.97 -8.63
C ASP A 75 -19.72 -17.82 -8.83
N ASN A 76 -20.87 -17.17 -9.04
CA ASN A 76 -22.13 -17.89 -9.23
C ASN A 76 -22.18 -18.68 -10.54
N ASP A 77 -21.33 -18.30 -11.50
CA ASP A 77 -21.28 -18.97 -12.79
C ASP A 77 -20.32 -20.17 -12.77
N GLY A 78 -19.59 -20.37 -11.67
CA GLY A 78 -18.71 -21.52 -11.51
C GLY A 78 -17.27 -21.29 -11.96
N LYS A 79 -16.98 -20.07 -12.42
CA LYS A 79 -15.63 -19.73 -12.86
C LYS A 79 -14.69 -19.50 -11.67
N LYS A 80 -13.50 -20.09 -11.74
CA LYS A 80 -12.50 -19.91 -10.69
C LYS A 80 -11.84 -18.54 -10.81
N ILE A 81 -11.84 -17.79 -9.70
CA ILE A 81 -11.16 -16.51 -9.64
C ILE A 81 -9.94 -16.65 -8.73
N HIS A 82 -8.78 -16.26 -9.24
CA HIS A 82 -7.55 -16.30 -8.47
C HIS A 82 -7.52 -15.08 -7.58
N CYS A 83 -7.34 -15.30 -6.28
CA CYS A 83 -7.31 -14.18 -5.35
C CYS A 83 -6.15 -14.29 -4.37
N ALA A 84 -5.92 -13.18 -3.67
CA ALA A 84 -5.02 -13.16 -2.54
C ALA A 84 -5.88 -13.06 -1.28
N VAL A 85 -5.55 -13.86 -0.28
CA VAL A 85 -6.33 -13.94 0.94
C VAL A 85 -5.49 -13.50 2.13
N LYS A 86 -5.82 -12.34 2.68
CA LYS A 86 -5.07 -11.76 3.78
C LYS A 86 -5.69 -12.25 5.08
N SER A 87 -4.83 -12.58 6.05
CA SER A 87 -5.24 -13.21 7.29
C SER A 87 -4.46 -12.62 8.46
N LEU A 88 -5.10 -12.59 9.62
CA LEU A 88 -4.51 -12.08 10.86
C LEU A 88 -3.86 -13.26 11.56
N ASN A 89 -2.64 -13.09 12.04
CA ASN A 89 -1.95 -14.17 12.73
C ASN A 89 -2.59 -14.57 14.08
N ARG A 90 -3.24 -13.61 14.73
CA ARG A 90 -3.77 -13.76 16.09
C ARG A 90 -5.07 -12.98 16.19
N ILE A 91 -6.14 -13.63 16.66
CA ILE A 91 -7.45 -12.97 16.78
C ILE A 91 -7.87 -12.69 18.23
N THR A 92 -6.92 -12.65 19.15
CA THR A 92 -7.22 -12.44 20.58
C THR A 92 -7.35 -10.98 20.98
N ASP A 93 -6.78 -10.06 20.19
CA ASP A 93 -6.90 -8.63 20.48
C ASP A 93 -8.00 -8.02 19.62
N ILE A 94 -8.97 -7.39 20.29
CA ILE A 94 -10.14 -6.83 19.60
C ILE A 94 -9.77 -5.63 18.72
N GLY A 95 -8.83 -4.82 19.17
CA GLY A 95 -8.35 -3.68 18.41
C GLY A 95 -7.65 -4.11 17.12
N GLU A 96 -6.87 -5.18 17.19
CA GLU A 96 -6.19 -5.70 16.00
C GLU A 96 -7.22 -6.26 15.01
N VAL A 97 -8.17 -7.05 15.51
CA VAL A 97 -9.22 -7.60 14.65
C VAL A 97 -10.02 -6.49 13.95
N SER A 98 -10.38 -5.44 14.69
CA SER A 98 -11.13 -4.32 14.13
C SER A 98 -10.33 -3.54 13.09
N GLN A 99 -9.06 -3.28 13.38
CA GLN A 99 -8.19 -2.59 12.44
C GLN A 99 -8.04 -3.44 11.17
N PHE A 100 -7.91 -4.75 11.34
CA PHE A 100 -7.76 -5.70 10.21
C PHE A 100 -8.96 -5.65 9.28
N LEU A 101 -10.16 -5.66 9.85
CA LEU A 101 -11.36 -5.63 9.02
C LEU A 101 -11.55 -4.26 8.39
N THR A 102 -11.25 -3.21 9.15
CA THR A 102 -11.25 -1.84 8.61
C THR A 102 -10.27 -1.73 7.41
N GLU A 103 -9.09 -2.31 7.53
CA GLU A 103 -8.13 -2.28 6.41
C GLU A 103 -8.70 -2.84 5.11
N GLY A 104 -9.59 -3.84 5.22
CA GLY A 104 -10.28 -4.39 4.08
C GLY A 104 -11.47 -3.56 3.63
N ILE A 105 -12.31 -3.19 4.59
CA ILE A 105 -13.62 -2.62 4.30
C ILE A 105 -13.57 -1.20 3.72
N ILE A 106 -12.49 -0.47 4.01
CA ILE A 106 -12.31 0.87 3.43
C ILE A 106 -12.36 0.88 1.90
N MET A 107 -11.90 -0.21 1.27
CA MET A 107 -11.92 -0.34 -0.19
C MET A 107 -13.32 -0.47 -0.77
N LYS A 108 -14.31 -0.83 0.04
CA LYS A 108 -15.67 -0.99 -0.48
C LYS A 108 -16.22 0.36 -0.96
N ASP A 109 -15.66 1.46 -0.48
CA ASP A 109 -16.09 2.79 -0.89
C ASP A 109 -15.16 3.45 -1.92
N PHE A 110 -14.26 2.67 -2.50
CA PHE A 110 -13.37 3.17 -3.54
C PHE A 110 -13.66 2.44 -4.83
N SER A 111 -13.68 3.21 -5.91
CA SER A 111 -14.00 2.68 -7.22
C SER A 111 -13.15 3.42 -8.24
N HIS A 112 -11.93 2.95 -8.41
CA HIS A 112 -10.99 3.58 -9.33
C HIS A 112 -10.00 2.54 -9.85
N PRO A 113 -9.64 2.60 -11.15
CA PRO A 113 -8.72 1.53 -11.65
C PRO A 113 -7.30 1.53 -11.05
N ASN A 114 -6.92 2.62 -10.38
CA ASN A 114 -5.61 2.72 -9.75
C ASN A 114 -5.69 2.64 -8.24
N VAL A 115 -6.74 1.99 -7.75
CA VAL A 115 -6.91 1.73 -6.35
C VAL A 115 -7.37 0.29 -6.18
N LEU A 116 -6.67 -0.45 -5.35
CA LEU A 116 -7.03 -1.84 -5.05
C LEU A 116 -8.48 -1.98 -4.58
N SER A 117 -9.16 -2.98 -5.13
CA SER A 117 -10.54 -3.26 -4.75
C SER A 117 -10.61 -4.48 -3.85
N LEU A 118 -11.75 -4.61 -3.19
CA LEU A 118 -12.04 -5.71 -2.29
C LEU A 118 -13.04 -6.64 -2.95
N LEU A 119 -12.69 -7.93 -3.08
CA LEU A 119 -13.66 -8.91 -3.54
C LEU A 119 -14.66 -9.25 -2.45
N GLY A 120 -14.19 -9.38 -1.22
CA GLY A 120 -15.07 -9.59 -0.08
C GLY A 120 -14.30 -10.06 1.13
N ILE A 121 -15.04 -10.36 2.18
CA ILE A 121 -14.48 -10.79 3.46
C ILE A 121 -15.16 -12.07 3.87
N CYS A 122 -14.37 -13.12 4.10
CA CYS A 122 -14.90 -14.42 4.50
C CYS A 122 -14.81 -14.53 6.00
N LEU A 123 -15.96 -14.61 6.65
CA LEU A 123 -16.02 -14.88 8.07
C LEU A 123 -16.34 -16.35 8.22
N ARG A 124 -15.48 -17.10 8.92
CA ARG A 124 -15.79 -18.48 9.24
C ARG A 124 -15.94 -18.65 10.74
N SER A 125 -16.40 -19.83 11.16
CA SER A 125 -16.72 -20.11 12.56
C SER A 125 -15.49 -20.06 13.46
N GLU A 126 -14.34 -20.43 12.90
CA GLU A 126 -13.10 -20.48 13.65
C GLU A 126 -12.00 -19.67 12.98
N GLY A 127 -11.25 -18.91 13.78
CA GLY A 127 -10.04 -18.24 13.31
C GLY A 127 -10.23 -16.88 12.65
N SER A 128 -9.16 -16.41 12.01
CA SER A 128 -9.13 -15.07 11.42
C SER A 128 -10.19 -14.89 10.36
N PRO A 129 -10.84 -13.70 10.36
CA PRO A 129 -11.54 -13.28 9.16
C PRO A 129 -10.57 -13.28 7.99
N LEU A 130 -11.10 -13.35 6.77
CA LEU A 130 -10.24 -13.48 5.61
C LEU A 130 -10.64 -12.42 4.63
N VAL A 131 -9.78 -11.43 4.44
CA VAL A 131 -9.99 -10.39 3.45
C VAL A 131 -9.50 -10.91 2.09
N VAL A 132 -10.39 -10.94 1.10
CA VAL A 132 -10.09 -11.51 -0.21
C VAL A 132 -9.89 -10.38 -1.23
N LEU A 133 -8.75 -10.43 -1.91
CA LEU A 133 -8.39 -9.41 -2.89
C LEU A 133 -8.13 -10.06 -4.25
N PRO A 134 -8.35 -9.30 -5.34
CA PRO A 134 -8.01 -9.88 -6.63
C PRO A 134 -6.49 -10.08 -6.73
N TYR A 135 -6.08 -11.25 -7.22
CA TYR A 135 -4.66 -11.52 -7.33
C TYR A 135 -4.00 -10.46 -8.20
N MET A 136 -2.86 -9.97 -7.75
CA MET A 136 -2.06 -9.01 -8.48
C MET A 136 -0.82 -9.73 -9.01
N LYS A 137 -0.86 -10.12 -10.28
CA LYS A 137 0.15 -11.01 -10.86
C LYS A 137 1.59 -10.57 -10.54
N HIS A 138 1.88 -9.28 -10.66
CA HIS A 138 3.23 -8.78 -10.48
C HIS A 138 3.52 -8.24 -9.07
N GLY A 139 2.60 -8.46 -8.14
CA GLY A 139 2.88 -8.19 -6.73
C GLY A 139 3.07 -6.71 -6.49
N ASP A 140 3.96 -6.37 -5.57
CA ASP A 140 4.17 -4.99 -5.23
C ASP A 140 5.10 -4.30 -6.22
N LEU A 141 4.81 -3.03 -6.48
CA LEU A 141 5.53 -2.26 -7.49
C LEU A 141 7.04 -2.21 -7.21
N ARG A 142 7.41 -2.07 -5.95
CA ARG A 142 8.83 -2.03 -5.61
C ARG A 142 9.56 -3.32 -6.06
N ASN A 143 9.05 -4.48 -5.66
CA ASN A 143 9.67 -5.75 -6.06
C ASN A 143 9.67 -5.95 -7.57
N PHE A 144 8.64 -5.47 -8.26
CA PHE A 144 8.59 -5.56 -9.71
C PHE A 144 9.72 -4.78 -10.39
N ILE A 145 9.89 -3.52 -10.00
CA ILE A 145 10.91 -2.68 -10.62
C ILE A 145 12.33 -3.06 -10.18
N ARG A 146 12.47 -3.64 -8.99
CA ARG A 146 13.77 -4.12 -8.51
C ARG A 146 14.19 -5.39 -9.25
N ASN A 147 13.22 -6.15 -9.72
CA ASN A 147 13.48 -7.41 -10.38
C ASN A 147 14.12 -7.17 -11.76
N GLU A 148 15.42 -7.44 -11.80
CA GLU A 148 16.24 -7.36 -13.03
C GLU A 148 15.57 -7.93 -14.29
N THR A 149 14.80 -9.02 -14.16
CA THR A 149 14.13 -9.65 -15.32
C THR A 149 13.33 -8.65 -16.14
N HIS A 150 12.71 -7.68 -15.46
CA HIS A 150 11.90 -6.69 -16.13
C HIS A 150 12.79 -5.59 -16.71
N ASN A 151 12.36 -5.02 -17.83
CA ASN A 151 13.13 -4.02 -18.55
C ASN A 151 12.35 -2.74 -18.83
N PRO A 152 11.88 -2.07 -17.75
CA PRO A 152 11.08 -0.88 -17.92
C PRO A 152 11.90 0.27 -18.48
N THR A 153 11.29 1.07 -19.34
CA THR A 153 11.89 2.28 -19.86
C THR A 153 11.55 3.42 -18.91
N VAL A 154 12.12 4.60 -19.14
CA VAL A 154 11.75 5.78 -18.35
C VAL A 154 10.26 6.01 -18.49
N LYS A 155 9.74 5.91 -19.71
CA LYS A 155 8.29 6.09 -19.96
C LYS A 155 7.46 5.10 -19.15
N ASP A 156 7.83 3.82 -19.16
CA ASP A 156 7.14 2.84 -18.31
C ASP A 156 7.13 3.32 -16.86
N LEU A 157 8.28 3.77 -16.38
CA LEU A 157 8.44 4.06 -14.97
C LEU A 157 7.65 5.33 -14.61
N ILE A 158 7.77 6.37 -15.44
CA ILE A 158 6.94 7.56 -15.27
C ILE A 158 5.46 7.18 -15.37
N GLY A 159 5.12 6.31 -16.33
CA GLY A 159 3.74 5.81 -16.46
C GLY A 159 3.17 5.25 -15.16
N PHE A 160 3.97 4.44 -14.46
CA PHE A 160 3.56 3.90 -13.15
C PHE A 160 3.32 5.02 -12.14
N GLY A 161 4.22 5.99 -12.12
CA GLY A 161 4.08 7.17 -11.26
C GLY A 161 2.80 7.92 -11.56
N LEU A 162 2.51 8.08 -12.85
CA LEU A 162 1.29 8.72 -13.30
C LEU A 162 0.06 7.96 -12.78
N GLN A 163 0.12 6.65 -12.90
CA GLN A 163 -0.94 5.81 -12.36
C GLN A 163 -1.15 5.97 -10.86
N VAL A 164 -0.05 6.04 -10.11
CA VAL A 164 -0.15 6.24 -8.68
C VAL A 164 -0.77 7.59 -8.41
N ALA A 165 -0.31 8.61 -9.14
CA ALA A 165 -0.87 9.95 -9.05
C ALA A 165 -2.39 9.98 -9.27
N LYS A 166 -2.86 9.30 -10.31
CA LYS A 166 -4.30 9.21 -10.56
C LYS A 166 -5.04 8.54 -9.40
N GLY A 167 -4.51 7.43 -8.87
CA GLY A 167 -5.10 6.79 -7.69
C GLY A 167 -5.22 7.74 -6.51
N MET A 168 -4.14 8.48 -6.28
CA MET A 168 -4.08 9.40 -5.17
C MET A 168 -4.96 10.62 -5.38
N LYS A 169 -5.09 11.07 -6.62
CA LYS A 169 -6.03 12.13 -6.96
C LYS A 169 -7.44 11.72 -6.56
N TYR A 170 -7.81 10.47 -6.90
CA TYR A 170 -9.12 9.95 -6.55
C TYR A 170 -9.28 9.85 -5.03
N LEU A 171 -8.30 9.24 -4.36
CA LEU A 171 -8.32 9.10 -2.91
C LEU A 171 -8.34 10.45 -2.19
N ALA A 172 -7.54 11.40 -2.68
CA ALA A 172 -7.54 12.75 -2.16
C ALA A 172 -8.92 13.40 -2.35
N SER A 173 -9.52 13.21 -3.53
CA SER A 173 -10.87 13.71 -3.80
C SER A 173 -11.91 13.17 -2.82
N LYS A 174 -11.71 11.94 -2.33
CA LYS A 174 -12.57 11.34 -1.30
C LYS A 174 -12.11 11.66 0.13
N LYS A 175 -11.18 12.61 0.29
CA LYS A 175 -10.67 13.03 1.61
C LYS A 175 -10.01 11.88 2.38
N PHE A 176 -9.43 10.93 1.64
CA PHE A 176 -8.74 9.81 2.27
C PHE A 176 -7.25 10.12 2.33
N VAL A 177 -6.68 10.01 3.52
CA VAL A 177 -5.27 10.24 3.74
C VAL A 177 -4.63 8.86 3.81
N HIS A 178 -3.69 8.59 2.91
CA HIS A 178 -3.06 7.28 2.83
C HIS A 178 -2.16 6.98 4.04
N ARG A 179 -1.23 7.88 4.33
CA ARG A 179 -0.31 7.77 5.47
C ARG A 179 0.91 6.86 5.28
N ASP A 180 0.89 6.00 4.26
CA ASP A 180 2.00 5.08 4.01
C ASP A 180 2.16 4.83 2.51
N LEU A 181 2.14 5.91 1.73
CA LEU A 181 2.33 5.81 0.31
C LEU A 181 3.80 5.52 0.05
N ALA A 182 4.04 4.40 -0.65
CA ALA A 182 5.36 3.92 -0.97
C ALA A 182 5.19 2.88 -2.05
N ALA A 183 6.24 2.62 -2.82
CA ALA A 183 6.17 1.62 -3.89
C ALA A 183 5.87 0.21 -3.37
N ARG A 184 6.27 -0.08 -2.14
CA ARG A 184 6.00 -1.40 -1.52
C ARG A 184 4.49 -1.65 -1.32
N ASN A 185 3.71 -0.56 -1.29
CA ASN A 185 2.27 -0.65 -1.00
C ASN A 185 1.38 -0.46 -2.22
N CYS A 186 2.00 -0.38 -3.39
CA CYS A 186 1.28 -0.30 -4.64
C CYS A 186 1.41 -1.64 -5.34
N MET A 187 0.29 -2.14 -5.84
CA MET A 187 0.27 -3.43 -6.46
C MET A 187 0.28 -3.26 -7.96
N LEU A 188 0.72 -4.29 -8.67
CA LEU A 188 0.76 -4.25 -10.12
C LEU A 188 0.09 -5.51 -10.66
N ASP A 189 -0.99 -5.32 -11.40
CA ASP A 189 -1.76 -6.44 -11.94
C ASP A 189 -1.21 -6.91 -13.29
N GLU A 190 -1.91 -7.85 -13.92
CA GLU A 190 -1.41 -8.54 -15.11
C GLU A 190 -1.36 -7.64 -16.36
N LYS A 191 -2.13 -6.55 -16.34
CA LYS A 191 -2.11 -5.59 -17.44
C LYS A 191 -1.20 -4.43 -17.11
N PHE A 192 -0.36 -4.60 -16.10
CA PHE A 192 0.53 -3.57 -15.59
C PHE A 192 -0.21 -2.33 -15.17
N THR A 193 -1.34 -2.54 -14.52
CA THR A 193 -2.11 -1.46 -13.93
C THR A 193 -1.77 -1.34 -12.45
N VAL A 194 -1.45 -0.13 -12.00
CA VAL A 194 -0.97 0.07 -10.66
C VAL A 194 -2.16 0.29 -9.75
N LYS A 195 -2.28 -0.55 -8.71
CA LYS A 195 -3.32 -0.40 -7.69
C LYS A 195 -2.73 0.18 -6.40
N VAL A 196 -2.97 1.46 -6.16
CA VAL A 196 -2.61 2.05 -4.88
C VAL A 196 -3.25 1.22 -3.78
N ALA A 197 -2.50 0.96 -2.72
CA ALA A 197 -2.95 0.08 -1.64
C ALA A 197 -2.15 0.28 -0.35
N ASP A 198 -2.35 -0.63 0.59
CA ASP A 198 -1.61 -0.65 1.84
C ASP A 198 -1.70 -2.06 2.45
N PHE A 199 -0.56 -2.72 2.60
CA PHE A 199 -0.51 -4.05 3.22
C PHE A 199 -0.96 -4.06 4.67
N GLY A 200 -0.84 -2.93 5.37
CA GLY A 200 -1.33 -2.80 6.74
C GLY A 200 -0.77 -3.89 7.63
N LEU A 201 -1.63 -4.68 8.25
CA LEU A 201 -1.20 -5.76 9.17
C LEU A 201 -0.58 -6.97 8.45
N ALA A 202 -0.66 -7.02 7.11
CA ALA A 202 0.10 -8.01 6.34
C ALA A 202 1.46 -7.48 5.88
N ARG A 203 1.93 -6.41 6.52
CA ARG A 203 3.24 -5.84 6.22
C ARG A 203 4.29 -6.93 6.19
N ASP A 204 5.02 -7.01 5.07
CA ASP A 204 6.04 -8.02 4.88
C ASP A 204 7.11 -7.92 5.96
N MET A 205 7.60 -9.05 6.43
CA MET A 205 8.57 -9.08 7.53
C MET A 205 9.89 -8.42 7.18
N TYR A 206 10.22 -8.33 5.89
CA TYR A 206 11.45 -7.66 5.45
C TYR A 206 11.31 -6.16 5.18
N ASP A 207 10.15 -5.59 5.50
CA ASP A 207 9.94 -4.14 5.43
C ASP A 207 10.14 -3.44 6.79
N LYS A 208 10.41 -4.21 7.84
CA LYS A 208 10.53 -3.66 9.20
C LYS A 208 11.62 -2.59 9.32
N GLU A 209 12.65 -2.70 8.48
CA GLU A 209 13.73 -1.71 8.48
C GLU A 209 13.24 -0.34 8.05
N TYR A 210 12.17 -0.31 7.24
CA TYR A 210 11.62 0.94 6.72
C TYR A 210 10.61 1.56 7.66
N TYR A 211 10.27 0.85 8.73
CA TYR A 211 9.39 1.37 9.76
C TYR A 211 10.17 1.51 11.07
N SER A 212 10.34 2.75 11.51
CA SER A 212 11.23 3.10 12.60
C SER A 212 10.42 3.36 13.87
N ALA A 219 5.43 4.78 17.85
CA ALA A 219 4.81 4.10 16.71
C ALA A 219 5.87 3.64 15.71
N LYS A 220 5.58 2.56 14.99
CA LYS A 220 6.40 2.12 13.87
C LYS A 220 5.99 2.94 12.64
N LEU A 221 6.80 3.92 12.26
CA LEU A 221 6.43 4.85 11.18
C LEU A 221 7.43 4.83 10.03
N PRO A 222 6.94 5.03 8.79
CA PRO A 222 7.78 4.97 7.59
C PRO A 222 8.54 6.27 7.35
N VAL A 223 9.55 6.52 8.18
CA VAL A 223 10.17 7.85 8.28
C VAL A 223 10.79 8.40 7.01
N LYS A 224 11.40 7.53 6.22
CA LYS A 224 12.01 7.95 4.96
C LYS A 224 10.99 8.36 3.86
N TRP A 225 9.73 8.03 4.05
CA TRP A 225 8.68 8.47 3.13
C TRP A 225 7.92 9.67 3.65
N MET A 226 8.16 10.05 4.92
CA MET A 226 7.34 11.04 5.62
C MET A 226 7.77 12.51 5.46
N ALA A 227 6.77 13.38 5.38
CA ALA A 227 7.00 14.82 5.25
C ALA A 227 7.70 15.36 6.49
N LEU A 228 8.43 16.44 6.30
CA LEU A 228 9.13 17.13 7.37
C LEU A 228 8.23 17.42 8.59
N GLU A 229 7.00 17.87 8.33
CA GLU A 229 6.07 18.21 9.42
C GLU A 229 5.52 16.97 10.13
N SER A 230 5.24 15.91 9.37
CA SER A 230 4.74 14.64 9.93
C SER A 230 5.77 13.99 10.85
N LEU A 231 7.05 14.12 10.50
CA LEU A 231 8.13 13.60 11.33
C LEU A 231 8.13 14.22 12.74
N GLN A 232 7.61 15.44 12.86
CA GLN A 232 7.64 16.17 14.12
C GLN A 232 6.30 16.12 14.85
N THR A 233 5.19 16.14 14.13
CA THR A 233 3.87 16.07 14.75
C THR A 233 3.24 14.68 14.70
N GLN A 234 3.81 13.81 13.87
CA GLN A 234 3.21 12.51 13.54
C GLN A 234 1.76 12.62 13.04
N LYS A 235 1.43 13.78 12.47
CA LYS A 235 0.16 14.01 11.83
C LYS A 235 0.33 13.89 10.33
N PHE A 236 -0.68 13.34 9.67
CA PHE A 236 -0.66 13.05 8.25
C PHE A 236 -1.80 13.77 7.54
N THR A 237 -1.49 14.29 6.36
CA THR A 237 -2.46 14.96 5.50
C THR A 237 -2.28 14.51 4.06
N THR A 238 -3.19 14.95 3.20
CA THR A 238 -3.00 14.77 1.76
C THR A 238 -1.70 15.44 1.30
N LYS A 239 -1.38 16.59 1.88
CA LYS A 239 -0.11 17.24 1.58
C LYS A 239 1.11 16.42 2.01
N SER A 240 1.00 15.70 3.13
CA SER A 240 2.07 14.79 3.54
C SER A 240 2.13 13.54 2.62
N ASP A 241 0.98 13.12 2.10
CA ASP A 241 0.93 12.11 1.04
C ASP A 241 1.65 12.57 -0.22
N VAL A 242 1.57 13.86 -0.53
CA VAL A 242 2.29 14.41 -1.69
C VAL A 242 3.81 14.25 -1.52
N TRP A 243 4.29 14.52 -0.31
CA TRP A 243 5.69 14.29 0.02
C TRP A 243 6.08 12.84 -0.27
N SER A 244 5.31 11.90 0.26
CA SER A 244 5.57 10.49 0.07
C SER A 244 5.56 10.12 -1.39
N PHE A 245 4.65 10.73 -2.13
CA PHE A 245 4.54 10.50 -3.56
C PHE A 245 5.84 10.86 -4.25
N GLY A 246 6.42 11.99 -3.87
CA GLY A 246 7.72 12.40 -4.39
C GLY A 246 8.76 11.32 -4.16
N VAL A 247 8.80 10.78 -2.96
CA VAL A 247 9.73 9.71 -2.65
C VAL A 247 9.42 8.48 -3.48
N LEU A 248 8.13 8.22 -3.66
CA LEU A 248 7.70 7.12 -4.50
C LEU A 248 8.21 7.31 -5.95
N LEU A 249 8.09 8.52 -6.48
CA LEU A 249 8.67 8.84 -7.78
C LEU A 249 10.16 8.51 -7.80
N TRP A 250 10.85 8.90 -6.74
CA TRP A 250 12.29 8.63 -6.63
C TRP A 250 12.56 7.14 -6.68
N GLU A 251 11.79 6.38 -5.89
CA GLU A 251 11.89 4.93 -5.91
C GLU A 251 11.75 4.38 -7.33
N LEU A 252 10.77 4.89 -8.08
CA LEU A 252 10.53 4.41 -9.43
C LEU A 252 11.72 4.64 -10.35
N MET A 253 12.26 5.85 -10.34
CA MET A 253 13.32 6.21 -11.30
C MET A 253 14.68 5.62 -10.95
N THR A 254 14.84 5.20 -9.69
CA THR A 254 16.00 4.41 -9.29
C THR A 254 15.73 2.91 -9.36
N ARG A 255 14.57 2.53 -9.89
CA ARG A 255 14.10 1.15 -9.90
C ARG A 255 14.21 0.49 -8.53
N GLY A 256 13.67 1.18 -7.52
CA GLY A 256 13.48 0.59 -6.20
C GLY A 256 14.66 0.67 -5.26
N ALA A 257 15.59 1.59 -5.49
CA ALA A 257 16.66 1.81 -4.53
C ALA A 257 16.05 2.31 -3.22
N PRO A 258 16.68 1.95 -2.08
CA PRO A 258 16.17 2.45 -0.80
C PRO A 258 16.50 3.92 -0.62
N PRO A 259 15.51 4.74 -0.21
CA PRO A 259 15.81 6.17 -0.07
C PRO A 259 16.80 6.46 1.07
N TYR A 260 17.68 7.43 0.87
CA TYR A 260 18.65 7.86 1.89
C TYR A 260 19.44 6.69 2.47
N PRO A 261 20.32 6.06 1.66
CA PRO A 261 21.02 4.88 2.15
C PRO A 261 21.88 5.15 3.41
N ASP A 267 16.42 10.12 12.94
CA ASP A 267 17.52 10.97 12.53
C ASP A 267 17.27 11.62 11.16
N ILE A 268 16.30 11.10 10.41
CA ILE A 268 16.02 11.60 9.08
C ILE A 268 15.60 13.08 9.13
N THR A 269 14.88 13.46 10.19
CA THR A 269 14.52 14.85 10.40
C THR A 269 15.74 15.77 10.45
N VAL A 270 16.76 15.38 11.20
CA VAL A 270 17.96 16.19 11.33
C VAL A 270 18.67 16.26 9.97
N TYR A 271 18.76 15.14 9.28
CA TYR A 271 19.35 15.09 7.94
C TYR A 271 18.66 16.09 7.02
N LEU A 272 17.34 15.99 6.92
CA LEU A 272 16.55 16.87 6.06
C LEU A 272 16.75 18.33 6.43
N LEU A 273 16.73 18.60 7.74
CA LEU A 273 16.87 19.97 8.25
C LEU A 273 18.27 20.55 8.12
N GLN A 274 19.23 19.75 7.66
CA GLN A 274 20.52 20.31 7.23
C GLN A 274 20.40 21.00 5.87
N GLY A 275 19.28 20.79 5.20
CA GLY A 275 19.00 21.39 3.90
C GLY A 275 19.28 20.40 2.78
N ARG A 276 18.72 19.19 2.89
CA ARG A 276 18.96 18.13 1.87
C ARG A 276 17.66 17.53 1.37
N ARG A 277 17.74 16.98 0.16
CA ARG A 277 16.68 16.19 -0.42
C ARG A 277 17.38 15.02 -1.13
N LEU A 278 16.61 13.98 -1.43
CA LEU A 278 17.07 12.87 -2.28
C LEU A 278 17.68 13.40 -3.56
N LEU A 279 18.81 12.83 -3.97
CA LEU A 279 19.47 13.30 -5.18
C LEU A 279 18.69 12.89 -6.41
N GLN A 280 18.85 13.65 -7.48
CA GLN A 280 18.24 13.29 -8.74
C GLN A 280 18.80 11.97 -9.25
N PRO A 281 17.93 10.96 -9.44
CA PRO A 281 18.37 9.72 -10.12
C PRO A 281 18.84 9.96 -11.54
N GLU A 282 19.82 9.17 -11.98
CA GLU A 282 20.41 9.34 -13.30
C GLU A 282 19.37 9.26 -14.43
N TYR A 283 18.40 8.36 -14.32
CA TYR A 283 17.36 8.24 -15.34
C TYR A 283 16.11 9.11 -15.09
N CYS A 284 16.14 9.92 -14.01
CA CYS A 284 15.08 10.88 -13.75
C CYS A 284 15.27 12.14 -14.61
N PRO A 285 14.32 12.42 -15.52
CA PRO A 285 14.42 13.67 -16.26
C PRO A 285 14.31 14.92 -15.36
N ASP A 286 14.93 16.01 -15.77
CA ASP A 286 14.99 17.22 -14.97
C ASP A 286 13.59 17.72 -14.59
N PRO A 287 12.66 17.80 -15.56
CA PRO A 287 11.31 18.26 -15.17
C PRO A 287 10.67 17.39 -14.10
N LEU A 288 10.96 16.09 -14.09
CA LEU A 288 10.39 15.20 -13.08
C LEU A 288 11.05 15.38 -11.70
N TYR A 289 12.33 15.75 -11.69
CA TYR A 289 12.99 16.09 -10.45
C TYR A 289 12.46 17.38 -9.87
N GLU A 290 12.20 18.36 -10.74
CA GLU A 290 11.61 19.62 -10.31
C GLU A 290 10.29 19.33 -9.59
N VAL A 291 9.52 18.41 -10.16
CA VAL A 291 8.29 17.93 -9.54
C VAL A 291 8.52 17.27 -8.18
N MET A 292 9.52 16.39 -8.06
CA MET A 292 9.81 15.80 -6.74
C MET A 292 10.17 16.88 -5.71
N LEU A 293 10.95 17.88 -6.14
CA LEU A 293 11.35 18.97 -5.25
C LEU A 293 10.12 19.77 -4.75
N LYS A 294 9.13 19.96 -5.62
CA LYS A 294 7.86 20.61 -5.26
C LYS A 294 7.06 19.75 -4.28
N CYS A 295 7.12 18.43 -4.48
CA CYS A 295 6.47 17.48 -3.58
C CYS A 295 7.11 17.50 -2.23
N TRP A 296 8.38 17.92 -2.18
CA TRP A 296 9.06 18.04 -0.89
C TRP A 296 9.17 19.49 -0.39
N HIS A 297 8.29 20.36 -0.87
CA HIS A 297 8.32 21.76 -0.47
C HIS A 297 8.30 21.77 1.06
N PRO A 298 9.19 22.55 1.69
CA PRO A 298 9.15 22.72 3.15
C PRO A 298 7.76 23.07 3.67
N LYS A 299 7.05 23.93 2.96
CA LYS A 299 5.70 24.33 3.33
C LYS A 299 4.70 23.42 2.64
N ALA A 300 3.89 22.72 3.44
CA ALA A 300 2.95 21.73 2.91
C ALA A 300 1.94 22.33 1.93
N GLU A 301 1.44 23.51 2.29
CA GLU A 301 0.43 24.21 1.51
C GLU A 301 0.94 24.62 0.12
N MET A 302 2.27 24.62 -0.04
CA MET A 302 2.88 24.99 -1.32
C MET A 302 3.16 23.77 -2.18
N ARG A 303 2.89 22.59 -1.66
CA ARG A 303 3.10 21.35 -2.40
C ARG A 303 1.98 21.18 -3.39
N PRO A 304 2.29 20.64 -4.58
CA PRO A 304 1.25 20.42 -5.60
C PRO A 304 0.15 19.46 -5.14
N SER A 305 -1.07 19.69 -5.62
CA SER A 305 -2.16 18.74 -5.50
C SER A 305 -1.87 17.52 -6.35
N PHE A 306 -2.50 16.40 -6.01
CA PHE A 306 -2.43 15.22 -6.86
C PHE A 306 -3.03 15.49 -8.24
N SER A 307 -4.04 16.34 -8.29
CA SER A 307 -4.59 16.76 -9.57
C SER A 307 -3.55 17.43 -10.46
N GLU A 308 -2.79 18.36 -9.89
CA GLU A 308 -1.70 19.03 -10.61
C GLU A 308 -0.56 18.07 -10.99
N LEU A 309 -0.29 17.10 -10.12
CA LEU A 309 0.72 16.09 -10.37
C LEU A 309 0.31 15.20 -11.55
N VAL A 310 -0.96 14.83 -11.60
CA VAL A 310 -1.51 14.10 -12.73
C VAL A 310 -1.27 14.91 -14.00
N SER A 311 -1.69 16.16 -13.98
CA SER A 311 -1.48 17.03 -15.13
C SER A 311 -0.01 17.10 -15.52
N ARG A 312 0.84 17.45 -14.57
CA ARG A 312 2.26 17.65 -14.86
C ARG A 312 2.96 16.40 -15.35
N ILE A 313 2.69 15.27 -14.70
CA ILE A 313 3.39 14.05 -15.03
C ILE A 313 2.85 13.48 -16.33
N SER A 314 1.55 13.66 -16.59
CA SER A 314 0.99 13.25 -17.88
C SER A 314 1.71 13.96 -19.04
N ALA A 315 2.00 15.24 -18.86
CA ALA A 315 2.75 16.01 -19.85
C ALA A 315 4.17 15.45 -20.02
N ILE A 316 4.88 15.25 -18.90
CA ILE A 316 6.25 14.77 -18.98
C ILE A 316 6.28 13.39 -19.64
N PHE A 317 5.36 12.54 -19.23
CA PHE A 317 5.21 11.20 -19.75
C PHE A 317 5.06 11.18 -21.27
N SER A 318 4.19 12.06 -21.76
CA SER A 318 3.89 12.16 -23.19
C SER A 318 5.10 12.51 -24.05
N THR A 319 6.16 13.06 -23.44
CA THR A 319 7.33 13.43 -24.20
C THR A 319 8.27 12.25 -24.49
N PHE A 320 8.10 11.13 -23.77
CA PHE A 320 8.96 9.98 -23.97
C PHE A 320 8.37 9.00 -24.96
N ILE A 321 9.22 8.15 -25.51
CA ILE A 321 8.79 7.20 -26.53
C ILE A 321 9.35 5.78 -26.29
N GLY A 322 9.79 5.52 -25.07
CA GLY A 322 10.21 4.18 -24.67
C GLY A 322 11.57 3.74 -25.20
N GLU A 323 12.50 4.67 -25.33
CA GLU A 323 13.86 4.35 -25.83
C GLU A 323 14.96 4.45 -24.76
N HIS A 324 14.60 4.85 -23.54
CA HIS A 324 15.52 4.87 -22.40
C HIS A 324 15.24 3.71 -21.44
N TYR A 325 16.08 2.67 -21.50
CA TYR A 325 15.95 1.53 -20.61
C TYR A 325 16.69 1.75 -19.30
N VAL A 326 15.98 1.65 -18.18
CA VAL A 326 16.55 1.93 -16.88
C VAL A 326 17.13 0.66 -16.27
N HIS A 327 18.39 0.74 -15.84
CA HIS A 327 19.11 -0.37 -15.21
C HIS A 327 18.74 -0.54 -13.73
N VAL A 328 18.71 -1.79 -13.27
CA VAL A 328 18.56 -2.10 -11.85
C VAL A 328 19.83 -1.70 -11.07
C4 DF6 B . 0.04 -10.59 -4.91
C5 DF6 B . -0.96 -9.98 -4.15
C7 DF6 B . -3.15 -9.17 -4.04
C8 DF6 B . -2.94 -8.75 -2.74
C13 DF6 B . -2.99 -5.23 -0.18
C21 DF6 B . -6.58 -0.72 1.99
C22 DF6 B . -6.13 0.49 1.17
C24 DF6 B . -4.83 2.50 0.98
C26 DF6 B . -6.23 1.79 -0.84
C28 DF6 B . -4.17 -6.82 1.18
O20 DF6 B . -4.95 -1.97 0.80
C19 DF6 B . -5.85 -1.99 1.62
C27 DF6 B . -6.63 0.69 -0.10
C25 DF6 B . -5.34 2.70 -0.29
C23 DF6 B . -5.23 1.39 1.72
N18 DF6 B . -6.29 -3.10 2.24
C16 DF6 B . -5.73 -4.29 2.01
S17 DF6 B . -6.37 -5.62 2.83
N15 DF6 B . -4.71 -4.40 1.15
C14 DF6 B . -4.00 -5.50 0.76
C12 DF6 B . -2.20 -6.24 -0.67
C29 DF6 B . -3.34 -7.84 0.68
C11 DF6 B . -2.36 -7.55 -0.26
O10 DF6 B . -1.53 -8.51 -0.80
C9 DF6 B . -1.72 -8.93 -2.10
N6 DF6 B . -2.15 -9.77 -4.73
C30 DF6 B . -0.70 -9.57 -2.83
C31 DF6 B . 0.57 -9.79 -2.30
C32 DF6 B . 1.56 -10.41 -3.07
O33 DF6 B . 2.82 -10.68 -2.60
C34 DF6 B . 3.39 -10.10 -1.42
C3 DF6 B . 1.30 -10.81 -4.37
O2 DF6 B . 2.32 -11.43 -5.08
C1 DF6 B . 2.16 -11.86 -6.44
CL CL C . 11.73 6.21 -22.48
#